data_4HG0
#
_entry.id   4HG0
#
_cell.length_a   71.953
_cell.length_b   71.953
_cell.length_c   123.530
_cell.angle_alpha   90.00
_cell.angle_beta   90.00
_cell.angle_gamma   120.00
#
_symmetry.space_group_name_H-M   'P 32 2 1'
#
loop_
_entity.id
_entity.type
_entity.pdbx_description
1 polymer 'Magnesium and cobalt efflux protein CorC'
2 non-polymer 'ADENOSINE MONOPHOSPHATE'
#
_entity_poly.entity_id   1
_entity_poly.type   'polypeptide(L)'
_entity_poly.pdbx_seq_one_letter_code
;(MSE)SDDNSHSSDTISNKKGFFSLLLSQLFHGEPKNRDELLALIRDSGQNDLIDEDTRD(MSE)LEGV(MSE)DIADQR
VRDI(MSE)IPRSQ(MSE)ITLKRNQTLDECLDVIIESAHSRFPVISEDKDHIEGIL(MSE)AKDLLPF(MSE)RSDAEA
FS(MSE)DKVLRQAVVVPESKRVDR(MSE)LKEFRSQRYH(MSE)AIVIDEFGGVSGLVTIEDILELIVGEIEDEYDEED
DIDFRQLSRHTWTVRALASIEDFNEAFGTHFSDEEVDTIGGLV(MSE)QAFGHLPARGETIDIDGYQFKVA(MSE)ADSR
RIIQVHVKIPDDSPQPKLDE
;
_entity_poly.pdbx_strand_id   A
#
# COMPACT_ATOMS: atom_id res chain seq x y z
N ASP A 51 2.08 -24.65 9.77
CA ASP A 51 2.97 -23.90 8.88
C ASP A 51 3.00 -22.43 9.27
N GLU A 52 4.06 -21.73 8.88
CA GLU A 52 4.21 -20.31 9.14
C GLU A 52 3.27 -19.42 8.35
N ASP A 53 3.23 -19.62 7.04
CA ASP A 53 2.47 -18.69 6.22
C ASP A 53 0.97 -18.78 6.51
N THR A 54 0.57 -19.89 7.13
CA THR A 54 -0.76 -20.04 7.68
C THR A 54 -0.91 -19.21 8.93
N ARG A 55 0.00 -19.44 9.86
CA ARG A 55 0.09 -18.67 11.08
C ARG A 55 -0.07 -17.19 10.77
N ASP A 56 0.62 -16.71 9.73
CA ASP A 56 0.60 -15.28 9.45
C ASP A 56 -0.81 -14.83 9.19
N LEU A 58 -3.73 -16.41 9.75
CA LEU A 58 -4.51 -16.61 10.95
C LEU A 58 -4.45 -15.41 11.88
N GLU A 59 -3.23 -14.91 12.10
CA GLU A 59 -3.01 -13.78 12.98
C GLU A 59 -3.59 -12.55 12.34
N GLY A 60 -3.40 -12.43 11.02
CA GLY A 60 -3.87 -11.28 10.28
C GLY A 60 -5.35 -11.11 10.44
N VAL A 61 -6.04 -12.23 10.62
CA VAL A 61 -7.46 -12.24 10.90
C VAL A 61 -7.76 -11.58 12.24
N ASP A 63 -6.20 -9.34 13.64
CA ASP A 63 -6.05 -7.88 13.58
C ASP A 63 -7.36 -7.16 13.32
N ILE A 64 -8.06 -7.63 12.29
CA ILE A 64 -9.29 -7.02 11.81
C ILE A 64 -10.23 -6.48 12.90
N ALA A 65 -10.32 -7.21 14.00
CA ALA A 65 -11.04 -6.71 15.16
C ALA A 65 -10.34 -5.48 15.72
N ASP A 66 -9.11 -5.69 16.16
CA ASP A 66 -8.36 -4.67 16.89
C ASP A 66 -8.13 -3.46 16.04
N GLN A 67 -8.23 -3.62 14.74
CA GLN A 67 -7.89 -2.48 13.93
C GLN A 67 -9.05 -1.59 13.51
N ARG A 68 -8.70 -0.31 13.43
CA ARG A 68 -9.59 0.76 13.01
C ARG A 68 -9.19 1.17 11.60
N VAL A 69 -10.05 1.94 10.97
CA VAL A 69 -9.80 2.39 9.62
C VAL A 69 -8.55 3.26 9.51
N ARG A 70 -8.24 4.01 10.57
CA ARG A 70 -7.06 4.88 10.60
C ARG A 70 -5.72 4.13 10.69
N ASP A 71 -5.69 2.90 10.21
CA ASP A 71 -4.57 2.04 10.43
C ASP A 71 -4.20 1.46 9.10
N ILE A 72 -5.06 1.68 8.12
CA ILE A 72 -4.89 1.00 6.86
C ILE A 72 -5.06 1.97 5.70
N ILE A 74 -4.72 4.99 2.97
CA ILE A 74 -3.78 5.78 2.22
C ILE A 74 -3.95 7.25 2.61
N PRO A 75 -2.90 7.86 3.18
CA PRO A 75 -3.01 9.26 3.64
C PRO A 75 -3.20 10.22 2.49
N ARG A 76 -3.80 11.39 2.76
CA ARG A 76 -4.28 12.25 1.70
C ARG A 76 -3.16 12.63 0.73
N SER A 77 -1.97 12.79 1.29
CA SER A 77 -0.79 13.06 0.50
C SER A 77 -0.61 11.99 -0.54
N GLN A 78 -0.59 10.73 -0.10
CA GLN A 78 -0.32 9.61 -0.98
C GLN A 78 -1.46 9.33 -1.95
N ILE A 80 -3.73 9.37 -5.01
CA ILE A 80 -3.77 9.67 -6.44
C ILE A 80 -5.20 10.02 -6.83
N THR A 81 -5.47 11.28 -7.15
CA THR A 81 -6.83 11.69 -7.45
C THR A 81 -6.99 12.54 -8.70
N LEU A 82 -8.19 13.07 -8.88
CA LEU A 82 -8.55 13.89 -10.03
C LEU A 82 -9.37 15.08 -9.63
N LYS A 83 -9.64 15.97 -10.59
CA LYS A 83 -10.53 17.11 -10.35
C LYS A 83 -11.66 17.15 -11.42
N ARG A 84 -12.87 17.49 -10.99
CA ARG A 84 -14.04 17.51 -11.90
C ARG A 84 -13.77 18.35 -13.14
N ASN A 85 -12.86 19.29 -12.98
CA ASN A 85 -12.42 20.15 -14.06
C ASN A 85 -11.07 19.68 -14.62
N GLN A 86 -11.07 18.50 -15.23
CA GLN A 86 -9.90 18.01 -15.96
C GLN A 86 -10.34 17.38 -17.28
N THR A 87 -9.67 17.77 -18.37
CA THR A 87 -10.03 17.28 -19.70
C THR A 87 -9.98 15.77 -19.70
N LEU A 88 -10.89 15.16 -20.43
CA LEU A 88 -10.94 13.71 -20.56
C LEU A 88 -9.55 13.19 -20.90
N ASP A 89 -8.89 13.89 -21.81
CA ASP A 89 -7.58 13.50 -22.30
C ASP A 89 -6.57 13.33 -21.18
N GLU A 90 -6.46 14.32 -20.30
CA GLU A 90 -5.42 14.30 -19.29
C GLU A 90 -5.70 13.32 -18.16
N CYS A 91 -6.98 13.18 -17.82
CA CYS A 91 -7.42 12.19 -16.84
C CYS A 91 -6.84 10.81 -17.12
N LEU A 92 -6.79 10.44 -18.40
CA LEU A 92 -6.26 9.15 -18.79
C LEU A 92 -4.79 8.99 -18.41
N ASP A 93 -4.03 10.08 -18.47
CA ASP A 93 -2.63 10.00 -18.10
C ASP A 93 -2.48 9.60 -16.64
N VAL A 94 -3.14 10.34 -15.76
CA VAL A 94 -3.16 10.01 -14.32
C VAL A 94 -3.46 8.53 -14.08
N ILE A 95 -4.58 8.08 -14.65
CA ILE A 95 -5.08 6.70 -14.55
C ILE A 95 -4.09 5.65 -15.05
N ILE A 96 -3.39 6.00 -16.11
CA ILE A 96 -2.47 5.08 -16.74
C ILE A 96 -1.16 4.95 -15.96
N GLU A 97 -0.56 6.07 -15.61
CA GLU A 97 0.69 6.02 -14.87
C GLU A 97 0.44 5.32 -13.55
N SER A 98 -0.71 5.60 -12.95
CA SER A 98 -1.00 5.04 -11.64
C SER A 98 -1.51 3.61 -11.75
N ALA A 99 -2.18 3.31 -12.85
CA ALA A 99 -2.74 1.98 -13.06
C ALA A 99 -3.64 1.55 -11.90
N HIS A 100 -4.63 2.39 -11.60
CA HIS A 100 -5.61 2.02 -10.59
C HIS A 100 -6.94 1.78 -11.24
N SER A 101 -7.98 1.79 -10.41
CA SER A 101 -9.30 1.35 -10.82
C SER A 101 -10.31 2.34 -10.35
N ARG A 102 -10.02 3.01 -9.25
CA ARG A 102 -10.92 4.02 -8.71
C ARG A 102 -10.13 5.21 -8.22
N PHE A 103 -10.63 6.41 -8.56
CA PHE A 103 -9.97 7.65 -8.20
C PHE A 103 -10.96 8.65 -7.66
N PRO A 104 -10.63 9.27 -6.53
CA PRO A 104 -11.43 10.35 -5.97
C PRO A 104 -11.37 11.62 -6.83
N VAL A 105 -12.50 12.29 -6.97
CA VAL A 105 -12.56 13.54 -7.73
C VAL A 105 -12.64 14.78 -6.83
N ILE A 106 -11.57 15.58 -6.85
CA ILE A 106 -11.50 16.80 -6.06
C ILE A 106 -12.49 17.82 -6.63
N SER A 107 -13.12 18.60 -5.75
CA SER A 107 -14.20 19.52 -6.14
C SER A 107 -13.84 20.41 -7.33
N GLU A 108 -12.95 21.36 -7.11
CA GLU A 108 -12.48 22.28 -8.15
C GLU A 108 -11.49 23.27 -7.54
N ASP A 109 -11.61 23.47 -6.24
CA ASP A 109 -10.77 24.40 -5.51
C ASP A 109 -10.18 23.66 -4.31
N LYS A 110 -9.90 22.38 -4.52
CA LYS A 110 -9.47 21.48 -3.44
C LYS A 110 -10.45 21.49 -2.27
N ASP A 111 -11.62 22.05 -2.49
CA ASP A 111 -12.59 22.25 -1.43
C ASP A 111 -13.04 20.92 -0.87
N HIS A 112 -14.20 20.48 -1.35
CA HIS A 112 -14.69 19.15 -1.03
C HIS A 112 -14.12 18.20 -2.05
N ILE A 113 -14.62 16.98 -2.04
CA ILE A 113 -14.32 16.02 -3.07
C ILE A 113 -15.64 15.38 -3.45
N GLU A 114 -15.94 15.35 -4.75
CA GLU A 114 -17.29 15.13 -5.21
C GLU A 114 -17.74 13.67 -5.13
N GLY A 115 -16.98 12.81 -5.78
CA GLY A 115 -17.33 11.41 -5.83
C GLY A 115 -16.10 10.68 -6.28
N ILE A 116 -16.32 9.51 -6.87
CA ILE A 116 -15.24 8.64 -7.28
C ILE A 116 -15.45 8.25 -8.71
N LEU A 117 -14.38 8.20 -9.47
CA LEU A 117 -14.44 7.69 -10.82
C LEU A 117 -13.74 6.35 -10.92
N ALA A 119 -12.26 3.66 -13.45
CA ALA A 119 -11.69 3.75 -14.78
C ALA A 119 -12.52 2.96 -15.79
N LYS A 120 -13.19 1.89 -15.35
CA LYS A 120 -13.92 1.03 -16.31
C LYS A 120 -15.12 1.72 -16.94
N ASP A 121 -15.72 2.66 -16.21
CA ASP A 121 -16.82 3.45 -16.75
C ASP A 121 -16.39 4.22 -17.99
N LEU A 122 -15.09 4.44 -18.14
CA LEU A 122 -14.58 5.18 -19.28
C LEU A 122 -14.59 4.36 -20.54
N LEU A 123 -15.01 3.11 -20.43
CA LEU A 123 -15.00 2.26 -21.60
C LEU A 123 -16.18 2.49 -22.54
N PRO A 124 -17.41 2.68 -21.99
CA PRO A 124 -18.51 3.17 -22.83
C PRO A 124 -18.06 4.22 -23.83
N PHE A 125 -17.46 5.31 -23.34
CA PHE A 125 -16.84 6.26 -24.23
C PHE A 125 -15.62 5.61 -24.87
N ARG A 127 -16.67 3.49 -28.03
CA ARG A 127 -17.33 2.84 -29.16
C ARG A 127 -17.38 3.74 -30.40
N SER A 128 -17.99 3.22 -31.46
CA SER A 128 -18.15 3.95 -32.70
C SER A 128 -19.24 4.98 -32.46
N ASP A 129 -20.45 4.48 -32.34
CA ASP A 129 -21.59 5.31 -31.98
C ASP A 129 -21.52 5.60 -30.50
N ALA A 130 -20.40 6.17 -30.07
CA ALA A 130 -20.17 6.57 -28.70
C ALA A 130 -20.03 8.08 -28.64
N GLU A 131 -20.54 8.68 -27.56
CA GLU A 131 -20.57 10.12 -27.40
C GLU A 131 -19.29 10.66 -26.78
N ALA A 132 -19.33 11.93 -26.40
CA ALA A 132 -18.20 12.57 -25.74
C ALA A 132 -18.29 12.35 -24.24
N PHE A 133 -17.15 12.06 -23.63
CA PHE A 133 -17.11 11.88 -22.19
C PHE A 133 -17.50 13.14 -21.47
N SER A 134 -18.22 12.97 -20.37
CA SER A 134 -18.42 14.08 -19.46
C SER A 134 -18.49 13.63 -18.02
N ASP A 136 -19.91 13.29 -15.39
CA ASP A 136 -21.28 13.42 -14.86
C ASP A 136 -22.00 12.08 -14.77
N LYS A 137 -21.98 11.32 -15.86
CA LYS A 137 -22.64 10.02 -15.91
C LYS A 137 -21.83 8.97 -15.17
N VAL A 138 -20.55 9.26 -15.04
CA VAL A 138 -19.59 8.33 -14.47
C VAL A 138 -19.14 8.81 -13.11
N LEU A 139 -19.74 9.90 -12.65
CA LEU A 139 -19.45 10.40 -11.32
C LEU A 139 -20.36 9.76 -10.29
N ARG A 140 -19.92 8.63 -9.77
CA ARG A 140 -20.57 7.97 -8.66
C ARG A 140 -20.27 8.80 -7.45
N GLN A 141 -21.28 9.09 -6.63
CA GLN A 141 -21.01 9.79 -5.40
C GLN A 141 -20.27 8.81 -4.53
N ALA A 142 -19.70 9.27 -3.43
CA ALA A 142 -18.76 8.43 -2.69
C ALA A 142 -18.98 8.38 -1.19
N VAL A 143 -18.69 7.23 -0.60
CA VAL A 143 -19.00 7.01 0.79
C VAL A 143 -17.90 7.52 1.70
N VAL A 144 -18.30 8.12 2.81
CA VAL A 144 -17.32 8.62 3.77
C VAL A 144 -17.45 7.94 5.15
N VAL A 145 -16.31 7.78 5.82
CA VAL A 145 -16.27 7.08 7.10
C VAL A 145 -15.31 7.77 8.02
N PRO A 146 -15.57 7.68 9.33
CA PRO A 146 -14.66 8.21 10.34
C PRO A 146 -13.37 7.43 10.33
N GLU A 147 -12.28 8.04 10.76
CA GLU A 147 -11.06 7.30 11.00
C GLU A 147 -11.27 6.22 12.06
N SER A 148 -12.23 6.47 12.94
CA SER A 148 -12.48 5.61 14.10
C SER A 148 -13.15 4.31 13.72
N LYS A 149 -13.49 4.16 12.44
CA LYS A 149 -14.32 3.06 12.05
C LYS A 149 -13.60 1.74 12.19
N ARG A 150 -14.31 0.70 12.63
CA ARG A 150 -13.65 -0.55 12.89
C ARG A 150 -13.51 -1.32 11.61
N VAL A 151 -12.33 -1.90 11.44
CA VAL A 151 -11.96 -2.56 10.19
C VAL A 151 -12.94 -3.65 9.83
N ASP A 152 -13.27 -4.48 10.81
CA ASP A 152 -14.25 -5.55 10.61
C ASP A 152 -15.52 -5.01 10.01
N ARG A 153 -16.04 -3.94 10.63
CA ARG A 153 -17.27 -3.30 10.18
C ARG A 153 -17.15 -2.88 8.71
N LEU A 155 -15.21 -4.05 6.39
CA LEU A 155 -15.22 -5.25 5.55
C LEU A 155 -16.62 -5.74 5.25
N LYS A 156 -17.42 -5.87 6.30
CA LYS A 156 -18.85 -6.17 6.17
C LYS A 156 -19.52 -5.27 5.14
N GLU A 157 -19.51 -3.97 5.39
CA GLU A 157 -20.15 -3.00 4.51
C GLU A 157 -19.56 -3.04 3.12
N PHE A 158 -18.26 -3.15 3.04
CA PHE A 158 -17.59 -3.32 1.75
C PHE A 158 -18.23 -4.46 1.01
N ARG A 159 -18.26 -5.63 1.64
CA ARG A 159 -18.78 -6.82 0.96
C ARG A 159 -20.27 -6.71 0.69
N SER A 160 -21.03 -6.26 1.68
CA SER A 160 -22.49 -6.16 1.54
C SER A 160 -22.99 -5.14 0.50
N GLN A 161 -22.44 -3.92 0.48
CA GLN A 161 -22.88 -2.98 -0.55
C GLN A 161 -22.16 -3.18 -1.87
N ARG A 162 -21.14 -4.02 -1.84
CA ARG A 162 -20.36 -4.34 -3.03
C ARG A 162 -19.80 -3.09 -3.70
N TYR A 163 -18.66 -2.66 -3.18
CA TYR A 163 -17.90 -1.56 -3.72
C TYR A 163 -16.56 -1.60 -2.99
N HIS A 164 -15.56 -0.89 -3.50
CA HIS A 164 -14.19 -1.20 -3.09
C HIS A 164 -13.43 -0.11 -2.33
N ALA A 166 -13.54 3.74 -0.10
CA ALA A 166 -14.30 4.73 0.66
C ALA A 166 -13.43 5.94 0.97
N ILE A 167 -14.03 6.94 1.61
CA ILE A 167 -13.29 8.12 2.03
C ILE A 167 -13.24 8.29 3.54
N VAL A 168 -12.03 8.38 4.07
CA VAL A 168 -11.84 8.55 5.49
C VAL A 168 -11.78 10.02 5.85
N ILE A 169 -12.52 10.40 6.88
CA ILE A 169 -12.49 11.76 7.35
C ILE A 169 -12.19 11.81 8.84
N ASP A 170 -11.69 12.96 9.25
CA ASP A 170 -11.44 13.20 10.65
C ASP A 170 -12.72 13.73 11.29
N GLU A 171 -12.65 13.98 12.60
CA GLU A 171 -13.74 14.62 13.32
C GLU A 171 -14.17 15.88 12.61
N PHE A 172 -13.21 16.71 12.29
CA PHE A 172 -13.50 18.09 11.93
C PHE A 172 -13.96 18.22 10.49
N GLY A 173 -14.06 17.11 9.79
CA GLY A 173 -14.66 17.13 8.47
C GLY A 173 -13.64 17.22 7.37
N GLY A 174 -12.37 17.16 7.76
CA GLY A 174 -11.29 17.07 6.81
C GLY A 174 -11.11 15.65 6.33
N VAL A 175 -10.74 15.50 5.07
CA VAL A 175 -10.30 14.24 4.53
C VAL A 175 -8.91 13.86 5.09
N SER A 176 -8.81 12.67 5.69
CA SER A 176 -7.55 12.14 6.18
C SER A 176 -6.88 11.30 5.11
N GLY A 177 -7.67 10.84 4.14
CA GLY A 177 -7.22 9.85 3.19
C GLY A 177 -8.34 9.00 2.62
N LEU A 178 -7.98 7.82 2.10
CA LEU A 178 -8.94 6.87 1.53
C LEU A 178 -8.62 5.45 1.98
N VAL A 179 -9.54 4.54 1.75
CA VAL A 179 -9.39 3.17 2.20
C VAL A 179 -10.09 2.27 1.22
N THR A 180 -9.58 1.05 1.07
CA THR A 180 -10.13 0.10 0.12
C THR A 180 -10.14 -1.33 0.63
N ILE A 181 -10.85 -2.19 -0.08
CA ILE A 181 -11.07 -3.56 0.37
C ILE A 181 -9.77 -4.34 0.39
N GLU A 182 -8.86 -3.96 -0.50
CA GLU A 182 -7.64 -4.72 -0.65
C GLU A 182 -6.73 -4.37 0.48
N ASP A 183 -6.79 -3.13 0.94
CA ASP A 183 -6.04 -2.74 2.13
C ASP A 183 -6.47 -3.58 3.32
N ILE A 184 -7.68 -4.13 3.26
CA ILE A 184 -8.17 -4.98 4.34
C ILE A 184 -7.63 -6.39 4.22
N LEU A 185 -7.78 -6.97 3.05
CA LEU A 185 -7.30 -8.32 2.83
C LEU A 185 -5.78 -8.44 3.00
N GLU A 186 -5.06 -7.35 2.81
CA GLU A 186 -3.61 -7.35 2.97
C GLU A 186 -3.23 -7.60 4.42
N LEU A 187 -4.14 -7.33 5.32
CA LEU A 187 -3.90 -7.53 6.74
C LEU A 187 -3.67 -8.99 7.03
N ILE A 188 -4.32 -9.84 6.25
CA ILE A 188 -4.31 -11.27 6.47
C ILE A 188 -3.32 -11.93 5.52
N VAL A 189 -3.24 -11.36 4.33
CA VAL A 189 -2.53 -12.01 3.26
C VAL A 189 -1.16 -11.34 2.92
N GLY A 190 -0.70 -10.41 3.75
CA GLY A 190 0.46 -9.60 3.39
C GLY A 190 1.87 -10.12 3.68
N GLU A 191 1.97 -11.16 4.48
CA GLU A 191 3.27 -11.76 4.79
C GLU A 191 3.48 -12.89 3.82
N ILE A 192 2.68 -12.89 2.76
CA ILE A 192 2.56 -14.07 1.90
C ILE A 192 3.31 -13.88 0.57
N GLU A 193 4.26 -14.77 0.30
CA GLU A 193 5.09 -14.66 -0.89
C GLU A 193 5.71 -15.99 -1.21
N ASP A 194 6.32 -16.07 -2.38
CA ASP A 194 6.95 -17.30 -2.82
C ASP A 194 8.28 -17.53 -2.12
N GLU A 195 8.92 -18.60 -2.52
CA GLU A 195 10.16 -19.00 -1.93
C GLU A 195 11.18 -18.99 -3.02
N TYR A 196 12.40 -18.66 -2.61
CA TYR A 196 13.50 -18.42 -3.53
C TYR A 196 14.71 -19.21 -3.04
N ASP A 197 15.40 -19.86 -3.96
CA ASP A 197 16.48 -20.78 -3.59
C ASP A 197 17.87 -20.24 -3.83
N GLU A 198 18.33 -20.37 -5.08
CA GLU A 198 19.63 -19.88 -5.48
C GLU A 198 19.66 -18.42 -5.10
N GLU A 199 19.09 -17.63 -5.99
CA GLU A 199 18.57 -16.30 -5.71
C GLU A 199 18.43 -15.57 -7.02
N ASP A 200 17.65 -14.50 -6.95
CA ASP A 200 17.24 -13.78 -8.12
C ASP A 200 17.85 -12.39 -8.09
N ASP A 201 18.31 -11.92 -9.25
CA ASP A 201 18.89 -10.59 -9.41
C ASP A 201 18.02 -9.52 -8.80
N ILE A 202 16.75 -9.86 -8.65
CA ILE A 202 15.80 -8.96 -8.05
C ILE A 202 15.92 -9.00 -6.52
N ASP A 203 16.50 -7.93 -6.01
CA ASP A 203 16.60 -7.75 -4.59
C ASP A 203 15.22 -7.38 -4.10
N PHE A 204 14.72 -6.29 -4.64
CA PHE A 204 13.50 -5.67 -4.15
C PHE A 204 12.31 -6.02 -5.03
N ARG A 205 11.16 -6.22 -4.37
CA ARG A 205 9.86 -6.45 -5.02
C ARG A 205 8.79 -5.75 -4.21
N GLN A 206 7.89 -5.06 -4.89
CA GLN A 206 6.68 -4.53 -4.24
C GLN A 206 5.85 -5.72 -3.83
N LEU A 207 5.14 -5.59 -2.71
CA LEU A 207 4.38 -6.71 -2.17
C LEU A 207 2.95 -6.26 -1.81
N SER A 208 2.85 -4.99 -1.46
CA SER A 208 1.61 -4.36 -1.13
C SER A 208 1.95 -2.89 -1.14
N ARG A 209 1.04 -2.05 -0.71
CA ARG A 209 1.19 -0.61 -0.83
C ARG A 209 2.56 -0.05 -0.41
N HIS A 210 3.03 -0.46 0.75
CA HIS A 210 4.10 0.23 1.43
C HIS A 210 5.17 -0.77 1.75
N THR A 211 4.99 -1.99 1.23
CA THR A 211 5.82 -3.10 1.65
C THR A 211 6.59 -3.80 0.53
N TRP A 212 7.92 -3.80 0.64
CA TRP A 212 8.76 -4.53 -0.28
C TRP A 212 9.45 -5.70 0.38
N THR A 213 9.62 -6.76 -0.39
CA THR A 213 10.34 -7.95 0.07
C THR A 213 11.74 -7.95 -0.54
N VAL A 214 12.74 -7.69 0.29
CA VAL A 214 14.06 -7.48 -0.26
C VAL A 214 15.01 -8.60 0.17
N ARG A 215 15.89 -9.03 -0.73
CA ARG A 215 16.84 -10.06 -0.38
C ARG A 215 17.84 -9.46 0.59
N ALA A 216 18.30 -10.27 1.56
CA ALA A 216 19.21 -9.79 2.59
C ALA A 216 20.58 -9.56 1.99
N LEU A 217 20.88 -10.28 0.92
CA LEU A 217 22.19 -10.17 0.33
C LEU A 217 22.30 -8.90 -0.46
N ALA A 218 21.18 -8.23 -0.69
CA ALA A 218 21.16 -6.94 -1.37
C ALA A 218 22.07 -6.00 -0.63
N SER A 219 22.85 -5.22 -1.36
CA SER A 219 23.79 -4.30 -0.71
C SER A 219 23.06 -3.06 -0.25
N ILE A 220 23.57 -2.44 0.81
CA ILE A 220 23.07 -1.16 1.30
C ILE A 220 23.16 -0.14 0.18
N GLU A 221 24.14 -0.33 -0.70
CA GLU A 221 24.39 0.58 -1.82
C GLU A 221 23.21 0.52 -2.75
N ASP A 222 22.96 -0.68 -3.26
CA ASP A 222 21.86 -0.91 -4.16
C ASP A 222 20.50 -0.61 -3.52
N PHE A 223 20.33 -0.95 -2.24
CA PHE A 223 19.07 -0.64 -1.55
C PHE A 223 18.80 0.86 -1.42
N ASN A 224 19.84 1.60 -1.05
CA ASN A 224 19.70 3.03 -0.85
C ASN A 224 19.32 3.74 -2.13
N GLU A 225 19.93 3.32 -3.24
CA GLU A 225 19.61 3.86 -4.56
C GLU A 225 18.11 3.75 -4.80
N ALA A 226 17.61 2.53 -4.68
CA ALA A 226 16.24 2.15 -5.05
C ALA A 226 15.16 2.88 -4.29
N PHE A 227 15.25 2.80 -2.96
CA PHE A 227 14.24 3.35 -2.06
C PHE A 227 14.60 4.77 -1.68
N GLY A 228 15.72 5.26 -2.19
CA GLY A 228 16.19 6.60 -1.91
C GLY A 228 16.54 6.76 -0.44
N THR A 229 17.20 5.77 0.13
CA THR A 229 17.47 5.81 1.56
C THR A 229 18.92 6.19 1.85
N HIS A 230 19.19 6.55 3.09
CA HIS A 230 20.47 7.13 3.49
C HIS A 230 21.24 6.19 4.42
N PHE A 231 21.16 4.90 4.17
CA PHE A 231 21.73 3.93 5.10
C PHE A 231 23.24 3.84 4.96
N SER A 232 23.91 3.32 5.98
CA SER A 232 25.38 3.42 6.05
C SER A 232 26.12 2.08 6.05
N ASP A 233 27.29 2.05 5.44
CA ASP A 233 28.14 0.85 5.52
C ASP A 233 29.35 1.04 6.40
N GLU A 234 30.45 0.42 5.98
CA GLU A 234 31.71 0.28 6.72
C GLU A 234 31.64 -0.94 7.60
N GLU A 235 30.79 -0.88 8.62
CA GLU A 235 30.64 -2.04 9.47
C GLU A 235 30.06 -3.16 8.63
N VAL A 236 29.01 -2.83 7.88
CA VAL A 236 28.25 -3.83 7.14
C VAL A 236 27.93 -3.43 5.70
N ASP A 237 27.90 -4.39 4.80
CA ASP A 237 27.70 -4.12 3.37
C ASP A 237 26.33 -4.51 2.80
N THR A 238 25.66 -5.48 3.42
CA THR A 238 24.35 -5.91 2.92
C THR A 238 23.20 -5.58 3.86
N ILE A 239 22.00 -5.80 3.34
CA ILE A 239 20.82 -5.35 4.04
C ILE A 239 20.60 -6.18 5.31
N GLY A 240 20.93 -7.46 5.22
CA GLY A 240 20.81 -8.37 6.34
C GLY A 240 21.79 -8.04 7.45
N GLY A 241 22.90 -7.41 7.09
CA GLY A 241 23.87 -7.07 8.10
C GLY A 241 23.46 -5.80 8.81
N LEU A 242 22.86 -4.89 8.05
CA LEU A 242 22.33 -3.65 8.58
C LEU A 242 21.35 -3.99 9.65
N VAL A 243 20.48 -4.91 9.29
CA VAL A 243 19.36 -5.28 10.11
C VAL A 243 19.87 -6.01 11.31
N GLN A 245 22.49 -5.88 12.64
CA GLN A 245 23.25 -4.98 13.47
C GLN A 245 22.34 -4.14 14.32
N ALA A 246 21.24 -3.70 13.72
CA ALA A 246 20.25 -2.96 14.47
C ALA A 246 19.77 -3.84 15.60
N PHE A 247 19.53 -5.10 15.27
CA PHE A 247 19.12 -6.08 16.27
C PHE A 247 20.19 -6.26 17.31
N GLY A 248 21.37 -6.71 16.89
CA GLY A 248 22.47 -6.99 17.80
C GLY A 248 22.54 -8.47 18.12
N HIS A 249 21.79 -9.23 17.33
CA HIS A 249 21.73 -10.69 17.46
C HIS A 249 21.22 -11.20 16.12
N LEU A 250 21.21 -12.52 15.91
CA LEU A 250 20.64 -13.04 14.68
C LEU A 250 19.15 -13.32 14.84
N PRO A 251 18.32 -12.51 14.17
CA PRO A 251 16.92 -12.67 14.48
C PRO A 251 16.33 -13.90 13.85
N ALA A 252 15.16 -14.21 14.35
CA ALA A 252 14.37 -15.29 13.83
C ALA A 252 13.22 -14.67 13.00
N ARG A 253 12.51 -15.48 12.21
CA ARG A 253 11.45 -14.96 11.34
C ARG A 253 10.37 -14.21 12.11
N GLY A 254 9.91 -13.10 11.55
CA GLY A 254 8.89 -12.35 12.23
C GLY A 254 9.44 -11.23 13.08
N GLU A 255 10.69 -11.33 13.49
CA GLU A 255 11.27 -10.29 14.31
C GLU A 255 11.23 -8.98 13.54
N THR A 256 11.06 -7.89 14.27
CA THR A 256 10.95 -6.60 13.61
C THR A 256 11.77 -5.57 14.33
N ILE A 257 12.23 -4.59 13.56
CA ILE A 257 13.14 -3.58 14.04
C ILE A 257 13.00 -2.33 13.17
N ASP A 258 13.05 -1.20 13.86
CA ASP A 258 12.81 0.10 13.28
C ASP A 258 14.17 0.73 13.13
N ILE A 259 14.53 1.14 11.92
CA ILE A 259 15.83 1.77 11.79
C ILE A 259 15.72 3.28 11.72
N ASP A 260 15.17 3.82 10.63
CA ASP A 260 14.97 5.25 10.58
C ASP A 260 13.57 5.57 10.15
N GLY A 261 12.63 4.93 10.82
CA GLY A 261 11.23 5.02 10.45
C GLY A 261 10.84 3.95 9.46
N TYR A 262 11.82 3.16 9.01
CA TYR A 262 11.51 2.02 8.15
C TYR A 262 11.37 0.70 8.93
N GLN A 263 10.22 0.03 8.77
CA GLN A 263 9.95 -1.24 9.45
C GLN A 263 10.59 -2.41 8.75
N PHE A 264 11.47 -3.11 9.44
CA PHE A 264 12.11 -4.26 8.85
C PHE A 264 11.64 -5.48 9.62
N LYS A 265 11.29 -6.53 8.90
CA LYS A 265 10.73 -7.71 9.49
C LYS A 265 11.41 -8.90 8.83
N VAL A 266 11.92 -9.79 9.67
CA VAL A 266 12.67 -10.94 9.19
C VAL A 266 11.69 -11.87 8.52
N ALA A 267 11.69 -11.85 7.20
CA ALA A 267 10.76 -12.70 6.48
C ALA A 267 11.25 -14.12 6.51
N ALA A 269 14.87 -16.54 7.57
CA ALA A 269 16.20 -16.59 8.18
C ALA A 269 16.45 -17.99 8.66
N ASP A 270 17.71 -18.43 8.60
CA ASP A 270 18.05 -19.71 9.21
C ASP A 270 18.88 -19.51 10.46
N SER A 271 19.70 -20.52 10.77
CA SER A 271 20.52 -20.51 11.98
C SER A 271 21.88 -19.84 11.75
N ARG A 272 22.17 -19.49 10.49
CA ARG A 272 23.39 -18.76 10.20
C ARG A 272 23.11 -17.31 9.85
N ARG A 273 22.03 -17.08 9.11
CA ARG A 273 21.88 -15.79 8.45
C ARG A 273 20.46 -15.35 8.10
N ILE A 274 20.27 -14.05 8.04
CA ILE A 274 19.05 -13.47 7.54
C ILE A 274 19.07 -13.69 6.04
N ILE A 275 17.94 -14.11 5.51
CA ILE A 275 17.79 -14.43 4.09
C ILE A 275 16.86 -13.43 3.36
N GLN A 276 15.63 -13.28 3.81
CA GLN A 276 14.73 -12.30 3.22
C GLN A 276 14.16 -11.40 4.30
N VAL A 277 13.95 -10.14 3.97
CA VAL A 277 13.39 -9.20 4.91
C VAL A 277 12.38 -8.30 4.21
N HIS A 278 11.26 -8.05 4.86
CA HIS A 278 10.30 -7.11 4.33
C HIS A 278 10.50 -5.77 4.97
N VAL A 279 10.40 -4.72 4.17
CA VAL A 279 10.51 -3.37 4.68
C VAL A 279 9.27 -2.52 4.34
N LYS A 280 8.79 -1.81 5.35
CA LYS A 280 7.66 -0.91 5.20
C LYS A 280 8.08 0.56 5.10
N ILE A 281 7.93 1.12 3.91
CA ILE A 281 8.19 2.52 3.68
C ILE A 281 7.18 3.31 4.49
N PRO A 282 7.67 4.31 5.25
CA PRO A 282 6.88 5.19 6.12
C PRO A 282 5.90 6.11 5.37
#